data_2I24
#
_entry.id   2I24
#
_cell.length_a   53.958
_cell.length_b   53.958
_cell.length_c   79.077
_cell.angle_alpha   90.00
_cell.angle_beta   90.00
_cell.angle_gamma   90.00
#
_symmetry.space_group_name_H-M   'P 43 21 2'
#
loop_
_entity.id
_entity.type
_entity.pdbx_description
1 polymer 'New Antigen Receptor PBLA8'
2 non-polymer 'CHLORIDE ION'
3 water water
#
_entity_poly.entity_id   1
_entity_poly.type   'polypeptide(L)'
_entity_poly.pdbx_seq_one_letter_code
;ARVDQTPQRITKETGESLTINCVVRDSRCVLSTGYWYRKPPGSRNEESISDGGRYVETVNRGSKSFSLRINDLTVKDSGT
YRCKPESRYGSYDAVCAALNDQYGGGTVVTVNAAAHHHHHH
;
_entity_poly.pdbx_strand_id   N
#
# COMPACT_ATOMS: atom_id res chain seq x y z
N ARG A 2 13.07 6.85 -2.38
CA ARG A 2 12.67 5.95 -1.26
C ARG A 2 11.14 5.89 -1.21
N VAL A 3 10.58 4.75 -0.85
CA VAL A 3 9.16 4.59 -0.62
C VAL A 3 8.94 4.26 0.85
N ASP A 4 8.39 5.21 1.60
CA ASP A 4 8.16 5.13 3.06
C ASP A 4 6.72 4.71 3.32
N GLN A 5 6.55 3.49 3.84
CA GLN A 5 5.25 2.91 4.17
C GLN A 5 5.02 2.93 5.66
N THR A 6 3.86 3.42 6.08
CA THR A 6 3.52 3.46 7.48
C THR A 6 2.06 3.04 7.69
N PRO A 7 1.72 2.51 8.85
CA PRO A 7 2.61 2.07 9.94
C PRO A 7 3.34 0.80 9.60
N GLN A 8 4.27 0.39 10.44
CA GLN A 8 5.03 -0.82 10.18
C GLN A 8 4.27 -2.09 10.62
N ARG A 9 3.55 -2.02 11.73
CA ARG A 9 2.80 -3.11 12.24
C ARG A 9 1.63 -2.51 12.93
N ILE A 10 0.53 -3.22 12.95
CA ILE A 10 -0.66 -2.75 13.65
C ILE A 10 -1.65 -3.88 13.92
N THR A 11 -2.32 -3.78 15.08
CA THR A 11 -3.39 -4.69 15.44
C THR A 11 -4.65 -3.89 15.48
N LYS A 12 -5.73 -4.50 14.99
CA LYS A 12 -7.03 -3.89 14.95
C LYS A 12 -8.06 -4.88 15.47
N GLU A 13 -9.22 -4.34 15.84
CA GLU A 13 -10.37 -5.14 16.20
C GLU A 13 -11.27 -5.36 15.01
N THR A 14 -11.97 -6.50 15.00
CA THR A 14 -13.02 -6.73 13.98
C THR A 14 -13.99 -5.57 13.98
N GLY A 15 -14.28 -5.09 12.77
CA GLY A 15 -15.23 -3.97 12.56
C GLY A 15 -14.57 -2.58 12.48
N GLU A 16 -13.30 -2.47 12.89
CA GLU A 16 -12.59 -1.20 12.77
C GLU A 16 -12.13 -0.99 11.33
N SER A 17 -11.54 0.17 11.08
CA SER A 17 -10.95 0.53 9.80
C SER A 17 -9.46 0.69 10.00
N LEU A 18 -8.71 0.42 8.97
CA LEU A 18 -7.31 0.76 9.02
C LEU A 18 -6.89 1.52 7.80
N THR A 19 -5.86 2.32 7.99
CA THR A 19 -5.29 3.10 6.92
C THR A 19 -3.78 2.82 6.85
N ILE A 20 -3.31 2.64 5.64
CA ILE A 20 -1.86 2.51 5.36
C ILE A 20 -1.48 3.58 4.37
N ASN A 21 -0.33 4.18 4.57
CA ASN A 21 0.14 5.25 3.78
C ASN A 21 1.50 4.90 3.12
N CYS A 22 1.68 5.38 1.90
CA CYS A 22 2.97 5.28 1.22
C CYS A 22 3.35 6.65 0.66
N VAL A 23 4.60 7.10 0.81
CA VAL A 23 5.06 8.34 0.20
C VAL A 23 6.37 8.09 -0.48
N VAL A 24 6.53 8.70 -1.63
CA VAL A 24 7.77 8.61 -2.38
C VAL A 24 8.61 9.86 -2.03
N ARG A 25 9.73 9.66 -1.37
CA ARG A 25 10.59 10.77 -0.93
C ARG A 25 11.93 10.73 -1.65
N ASP A 26 12.59 11.88 -1.76
CA ASP A 26 13.96 11.98 -2.31
C ASP A 26 14.02 11.41 -3.71
N SER A 27 13.02 11.72 -4.51
CA SER A 27 12.95 11.25 -5.90
C SER A 27 12.54 12.37 -6.85
N ARG A 28 13.08 12.35 -8.06
CA ARG A 28 12.66 13.28 -9.10
C ARG A 28 11.38 12.84 -9.82
N CYS A 29 10.89 11.65 -9.53
CA CYS A 29 9.78 11.12 -10.28
C CYS A 29 8.47 11.76 -9.94
N VAL A 30 7.54 11.68 -10.88
CA VAL A 30 6.16 12.16 -10.72
C VAL A 30 5.25 10.97 -10.44
N LEU A 31 4.47 11.03 -9.37
CA LEU A 31 3.60 9.93 -9.03
C LEU A 31 2.36 9.96 -9.89
N SER A 32 2.05 8.87 -10.56
CA SER A 32 0.78 8.75 -11.29
C SER A 32 -0.31 8.04 -10.49
N THR A 33 0.05 6.90 -9.91
CA THR A 33 -0.90 6.08 -9.13
C THR A 33 -0.11 5.14 -8.25
N GLY A 34 -0.82 4.27 -7.56
CA GLY A 34 -0.12 3.26 -6.77
C GLY A 34 -0.97 2.03 -6.64
N TYR A 35 -0.33 0.92 -6.26
CA TYR A 35 -1.00 -0.39 -6.17
C TYR A 35 -0.74 -0.98 -4.80
N TRP A 36 -1.60 -1.90 -4.41
CA TRP A 36 -1.54 -2.53 -3.07
C TRP A 36 -1.63 -4.06 -3.22
N TYR A 37 -0.91 -4.74 -2.34
CA TYR A 37 -0.83 -6.19 -2.30
C TYR A 37 -0.91 -6.70 -0.88
N ARG A 38 -1.40 -7.91 -0.72
CA ARG A 38 -1.45 -8.59 0.59
C ARG A 38 -0.94 -10.00 0.47
N LYS A 39 -0.11 -10.36 1.44
CA LYS A 39 0.33 -11.73 1.69
C LYS A 39 -0.37 -12.25 2.95
N PRO A 40 -1.11 -13.36 2.86
CA PRO A 40 -1.78 -13.84 4.10
C PRO A 40 -0.77 -14.30 5.15
N PRO A 41 -1.20 -14.39 6.40
CA PRO A 41 -0.31 -14.94 7.42
C PRO A 41 0.21 -16.32 7.05
N GLY A 42 1.50 -16.54 7.29
CA GLY A 42 2.11 -17.83 7.07
C GLY A 42 2.39 -18.19 5.61
N SER A 43 2.16 -17.26 4.67
CA SER A 43 2.46 -17.48 3.26
C SER A 43 3.52 -16.54 2.81
N ARG A 44 4.24 -16.92 1.75
CA ARG A 44 5.18 -16.04 1.04
C ARG A 44 4.50 -15.25 -0.06
N ASN A 45 3.31 -15.67 -0.50
CA ASN A 45 2.80 -15.20 -1.76
C ASN A 45 1.81 -14.05 -1.61
N GLU A 46 2.09 -12.94 -2.28
CA GLU A 46 1.28 -11.77 -2.30
C GLU A 46 0.40 -11.75 -3.50
N GLU A 47 -0.79 -11.19 -3.30
CA GLU A 47 -1.71 -10.94 -4.39
C GLU A 47 -2.29 -9.55 -4.32
N SER A 48 -2.84 -9.07 -5.42
CA SER A 48 -3.31 -7.71 -5.52
C SER A 48 -4.60 -7.50 -4.68
N ILE A 49 -4.74 -6.26 -4.21
CA ILE A 49 -5.97 -5.62 -3.73
C ILE A 49 -6.45 -4.53 -4.75
N SER A 50 -7.75 -4.31 -4.84
CA SER A 50 -8.29 -3.29 -5.74
C SER A 50 -9.24 -2.37 -4.99
N ASP A 51 -9.27 -1.08 -5.36
CA ASP A 51 -10.23 -0.05 -4.86
C ASP A 51 -11.58 -0.66 -5.20
N GLY A 52 -12.48 -0.53 -4.26
CA GLY A 52 -13.86 -0.92 -4.41
C GLY A 52 -14.39 -1.56 -3.17
N GLY A 53 -15.66 -1.30 -2.88
CA GLY A 53 -16.32 -1.93 -1.70
C GLY A 53 -15.68 -1.43 -0.42
N ARG A 54 -15.16 -2.34 0.41
CA ARG A 54 -14.53 -2.00 1.71
C ARG A 54 -13.18 -1.25 1.55
N TYR A 55 -12.60 -1.31 0.35
CA TYR A 55 -11.28 -0.81 0.08
C TYR A 55 -11.38 0.53 -0.57
N VAL A 56 -10.76 1.56 0.02
CA VAL A 56 -10.81 2.92 -0.49
C VAL A 56 -9.37 3.41 -0.68
N GLU A 57 -9.03 3.70 -1.93
CA GLU A 57 -7.73 4.18 -2.29
C GLU A 57 -7.75 5.72 -2.51
N THR A 58 -6.64 6.36 -2.12
CA THR A 58 -6.46 7.80 -2.29
C THR A 58 -5.09 8.01 -2.88
N VAL A 59 -4.99 8.80 -3.92
CA VAL A 59 -3.71 9.20 -4.51
C VAL A 59 -3.59 10.70 -4.46
N ASN A 60 -2.44 11.17 -4.00
CA ASN A 60 -2.15 12.61 -3.95
C ASN A 60 -0.85 12.87 -4.75
N ARG A 61 -1.02 13.22 -6.02
CA ARG A 61 0.13 13.43 -6.87
C ARG A 61 1.06 14.50 -6.37
N GLY A 62 0.51 15.61 -5.93
CA GLY A 62 1.35 16.70 -5.47
C GLY A 62 2.24 16.36 -4.30
N SER A 63 1.74 15.57 -3.37
CA SER A 63 2.55 15.15 -2.23
C SER A 63 3.24 13.83 -2.42
N LYS A 64 3.09 13.24 -3.60
CA LYS A 64 3.68 11.96 -3.96
C LYS A 64 3.32 10.85 -2.99
N SER A 65 2.09 10.85 -2.55
CA SER A 65 1.60 9.85 -1.64
C SER A 65 0.37 9.16 -2.10
N PHE A 66 0.16 7.98 -1.53
CA PHE A 66 -1.04 7.20 -1.83
C PHE A 66 -1.32 6.35 -0.60
N SER A 67 -2.58 6.08 -0.42
CA SER A 67 -3.06 5.46 0.79
C SER A 67 -4.18 4.46 0.49
N LEU A 68 -4.28 3.45 1.34
CA LEU A 68 -5.32 2.43 1.33
C LEU A 68 -6.03 2.47 2.67
N ARG A 69 -7.34 2.59 2.64
CA ARG A 69 -8.20 2.38 3.79
C ARG A 69 -8.96 1.12 3.59
N ILE A 70 -9.03 0.29 4.64
CA ILE A 70 -9.90 -0.90 4.64
C ILE A 70 -10.91 -0.73 5.75
N ASN A 71 -12.19 -0.70 5.38
CA ASN A 71 -13.27 -0.62 6.32
C ASN A 71 -13.77 -1.99 6.73
N ASP A 72 -14.45 -2.05 7.88
CA ASP A 72 -15.12 -3.25 8.27
C ASP A 72 -14.19 -4.45 8.29
N LEU A 73 -13.08 -4.30 9.01
CA LEU A 73 -12.08 -5.36 9.06
C LEU A 73 -12.61 -6.64 9.67
N THR A 74 -12.08 -7.75 9.18
CA THR A 74 -12.29 -9.06 9.83
C THR A 74 -10.95 -9.81 9.87
N VAL A 75 -10.94 -10.97 10.52
CA VAL A 75 -9.71 -11.77 10.53
C VAL A 75 -9.18 -12.09 9.15
N LYS A 76 -10.03 -12.11 8.14
CA LYS A 76 -9.62 -12.37 6.76
C LYS A 76 -8.69 -11.29 6.20
N ASP A 77 -8.69 -10.11 6.82
CA ASP A 77 -7.83 -9.04 6.40
C ASP A 77 -6.43 -9.05 7.04
N SER A 78 -6.18 -9.94 7.98
CA SER A 78 -4.83 -10.09 8.52
C SER A 78 -3.85 -10.44 7.41
N GLY A 79 -2.64 -9.96 7.55
CA GLY A 79 -1.58 -10.27 6.58
C GLY A 79 -0.59 -9.15 6.51
N THR A 80 0.33 -9.24 5.57
CA THR A 80 1.32 -8.21 5.37
C THR A 80 0.98 -7.52 4.04
N TYR A 81 0.83 -6.20 4.10
CA TYR A 81 0.46 -5.41 2.96
C TYR A 81 1.67 -4.64 2.48
N ARG A 82 1.79 -4.49 1.16
CA ARG A 82 2.83 -3.62 0.56
C ARG A 82 2.21 -2.74 -0.49
N CYS A 83 2.74 -1.54 -0.60
CA CYS A 83 2.40 -0.64 -1.68
C CYS A 83 3.50 -0.65 -2.76
N LYS A 84 3.09 -0.24 -3.96
CA LYS A 84 3.98 -0.12 -5.09
C LYS A 84 3.56 1.10 -5.91
N PRO A 85 4.42 2.12 -6.05
CA PRO A 85 4.08 3.33 -6.83
C PRO A 85 4.19 3.07 -8.28
N GLU A 86 3.57 3.93 -9.05
CA GLU A 86 3.78 3.98 -10.50
C GLU A 86 4.10 5.39 -10.91
N SER A 87 5.24 5.56 -11.58
CA SER A 87 5.65 6.87 -12.06
C SER A 87 4.82 7.26 -13.29
N ARG A 88 4.71 8.54 -13.50
CA ARG A 88 4.00 9.06 -14.63
C ARG A 88 4.75 9.06 -15.94
N TYR A 89 6.06 9.27 -15.89
CA TYR A 89 6.89 9.49 -17.04
C TYR A 89 8.05 8.52 -17.15
N GLY A 90 7.85 7.31 -16.62
CA GLY A 90 8.88 6.27 -16.71
C GLY A 90 9.27 5.93 -18.14
N SER A 91 8.38 6.12 -19.11
CA SER A 91 8.72 5.85 -20.50
C SER A 91 9.83 6.74 -21.02
N TYR A 92 10.03 7.87 -20.34
CA TYR A 92 11.01 8.88 -20.72
C TYR A 92 12.28 8.87 -19.84
N ASP A 93 12.26 8.16 -18.74
CA ASP A 93 13.26 8.31 -17.67
C ASP A 93 13.45 6.94 -17.00
N ALA A 94 14.56 6.28 -17.30
CA ALA A 94 14.84 4.95 -16.80
C ALA A 94 14.94 4.83 -15.27
N VAL A 95 15.42 5.87 -14.60
CA VAL A 95 15.34 5.92 -13.13
C VAL A 95 13.91 5.88 -12.61
N CYS A 96 13.02 6.62 -13.27
CA CYS A 96 11.67 6.59 -12.84
C CYS A 96 10.96 5.36 -13.27
N ALA A 97 11.35 4.73 -14.36
CA ALA A 97 10.83 3.39 -14.63
C ALA A 97 11.15 2.42 -13.52
N ALA A 98 12.32 2.55 -12.91
CA ALA A 98 12.69 1.68 -11.80
C ALA A 98 11.83 1.90 -10.57
N LEU A 99 11.25 3.08 -10.43
CA LEU A 99 10.35 3.34 -9.31
C LEU A 99 9.16 2.37 -9.31
N ASN A 100 8.73 1.99 -10.51
CA ASN A 100 7.59 1.11 -10.69
C ASN A 100 7.81 -0.26 -10.11
N ASP A 101 9.06 -0.60 -9.80
CA ASP A 101 9.39 -1.85 -9.12
C ASP A 101 9.80 -1.73 -7.68
N GLN A 102 9.65 -0.56 -7.09
CA GLN A 102 10.05 -0.27 -5.71
C GLN A 102 8.88 -0.33 -4.72
N TYR A 103 8.83 -1.31 -3.85
CA TYR A 103 7.79 -1.49 -2.90
C TYR A 103 8.07 -0.78 -1.59
N GLY A 104 7.00 -0.40 -0.89
CA GLY A 104 7.16 -0.01 0.51
C GLY A 104 7.65 -1.16 1.36
N GLY A 105 8.05 -0.86 2.58
CA GLY A 105 8.62 -1.82 3.48
C GLY A 105 7.62 -2.74 4.12
N GLY A 106 6.35 -2.48 3.94
CA GLY A 106 5.28 -3.38 4.41
C GLY A 106 4.64 -2.93 5.68
N THR A 107 3.43 -3.42 5.88
CA THR A 107 2.70 -3.25 7.14
C THR A 107 2.17 -4.63 7.54
N VAL A 108 2.57 -5.09 8.73
CA VAL A 108 2.05 -6.33 9.23
C VAL A 108 0.82 -6.07 10.04
N VAL A 109 -0.32 -6.56 9.57
CA VAL A 109 -1.61 -6.29 10.14
C VAL A 109 -2.18 -7.58 10.79
N THR A 110 -2.64 -7.45 12.02
CA THR A 110 -3.41 -8.53 12.66
C THR A 110 -4.73 -8.00 13.08
N VAL A 111 -5.82 -8.65 12.65
CA VAL A 111 -7.15 -8.29 13.09
C VAL A 111 -7.63 -9.35 14.10
N ASN A 112 -7.98 -8.92 15.29
CA ASN A 112 -8.46 -9.82 16.31
C ASN A 112 -9.83 -10.37 15.98
N ALA A 113 -10.08 -11.61 16.39
CA ALA A 113 -11.37 -12.25 16.18
C ALA A 113 -12.51 -11.47 16.84
N ALA A 114 -13.72 -11.65 16.33
CA ALA A 114 -14.88 -10.93 16.85
C ALA A 114 -15.28 -11.50 18.22
#